data_5N36
#
_entry.id   5N36
#
_cell.length_a   58.578
_cell.length_b   72.645
_cell.length_c   109.142
_cell.angle_alpha   90.00
_cell.angle_beta   90.00
_cell.angle_gamma   90.00
#
_symmetry.space_group_name_H-M   'P 21 21 21'
#
loop_
_entity.id
_entity.type
_entity.pdbx_description
1 polymer 'cAMP-dependent protein kinase catalytic subunit alpha'
2 polymer 'cAMP dependent protein kinase inhibitor alpha-like protein'
3 non-polymer (4S)-2-METHYL-2,4-PENTANEDIOL
4 non-polymer 1H-isoindol-3-amine
5 water water
#
loop_
_entity_poly.entity_id
_entity_poly.type
_entity_poly.pdbx_seq_one_letter_code
_entity_poly.pdbx_strand_id
1 'polypeptide(L)'
;GHMGNAAAAKKG(SEP)EQESVKEFLAKAKEEFLKKWESPSQNTAQLDHFDRIKTLGTGSFGRVMLVKHKETGNHYAMKI
LDKQKVVKLKQIEHTLNEKRILQAVNFPFLVKLEFSFKDNSNLYMVMEYVPGGEMFSHLRRIGRF(SEP)EPHARFYAAQ
IVLTFEYLHSLDLIYRDLKPENLLIDQQGYIQVTDFGFAKRVKGRTW(TPO)LCGTPEYLAPEIILSKGYNKAVDWWALG
VLIYEMAAGYPPFFADQPIQIYEKIVSGKVRFPSHFSSDLKDLLRNLLQVDLTKRFGNLKNGVNDIKNHKWFATTDWIAI
YQRKVEAPFIPKFKGPGDTSNFDDYEEEEIRV(SEP)INEKCGKEFTEF
;
A
2 'polypeptide(L)' IAAGRTGRRQAIHDILVAA B
#
# COMPACT_ATOMS: atom_id res chain seq x y z
N GLY A 1 -13.62 17.37 30.25
CA GLY A 1 -13.52 16.70 28.96
C GLY A 1 -12.61 15.50 29.06
N HIS A 2 -12.32 14.82 27.93
CA HIS A 2 -11.43 13.66 28.00
C HIS A 2 -9.98 14.08 28.31
N MET A 3 -9.54 15.21 27.80
CA MET A 3 -8.19 15.70 28.06
C MET A 3 -8.24 16.86 29.02
N GLY A 4 -7.22 16.97 29.87
CA GLY A 4 -7.00 18.19 30.63
C GLY A 4 -6.42 19.31 29.78
N ASN A 5 -6.11 20.41 30.46
CA ASN A 5 -5.57 21.59 29.79
C ASN A 5 -4.23 21.30 29.11
N ALA A 6 -3.30 20.69 29.85
CA ALA A 6 -1.96 20.42 29.31
C ALA A 6 -2.03 19.53 28.08
N ALA A 7 -2.85 18.48 28.15
CA ALA A 7 -2.95 17.54 27.04
C ALA A 7 -3.61 18.18 25.83
N ALA A 8 -4.67 18.95 26.05
CA ALA A 8 -5.40 19.52 24.93
C ALA A 8 -4.53 20.48 24.14
N ALA A 9 -3.78 21.34 24.84
CA ALA A 9 -2.89 22.29 24.17
C ALA A 9 -1.73 21.59 23.47
N LYS A 10 -1.18 20.53 24.08
CA LYS A 10 -0.16 19.75 23.41
C LYS A 10 -0.69 19.16 22.12
N LYS A 11 -1.92 18.62 22.16
CA LYS A 11 -2.50 18.00 20.97
C LYS A 11 -2.72 19.04 19.87
N GLY A 12 -3.25 20.21 20.23
CA GLY A 12 -3.50 21.24 19.24
C GLY A 12 -2.21 21.68 18.55
N GLU A 14 0.45 19.96 18.26
CA GLU A 14 0.89 18.83 17.43
C GLU A 14 0.15 18.87 16.10
N GLN A 15 -1.15 19.15 16.15
CA GLN A 15 -1.92 19.18 14.91
C GLN A 15 -1.48 20.32 14.00
N GLU A 16 -1.13 21.49 14.56
CA GLU A 16 -0.62 22.59 13.75
C GLU A 16 0.73 22.26 13.12
N SER A 17 1.58 21.55 13.86
CA SER A 17 2.85 21.11 13.30
C SER A 17 2.64 20.14 12.14
N VAL A 18 1.61 19.31 12.20
CA VAL A 18 1.33 18.43 11.05
C VAL A 18 1.00 19.26 9.82
N LYS A 19 0.17 20.28 10.00
CA LYS A 19 -0.18 21.15 8.87
C LYS A 19 1.06 21.79 8.27
N GLU A 20 1.97 22.26 9.11
CA GLU A 20 3.21 22.87 8.64
C GLU A 20 4.05 21.86 7.85
N PHE A 21 4.14 20.63 8.35
CA PHE A 21 4.88 19.59 7.65
C PHE A 21 4.25 19.30 6.29
N LEU A 22 2.92 19.17 6.26
CA LEU A 22 2.29 18.77 5.00
C LEU A 22 2.38 19.87 3.96
N ALA A 23 2.36 21.13 4.39
CA ALA A 23 2.54 22.23 3.45
C ALA A 23 3.91 22.15 2.79
N LYS A 24 4.97 21.88 3.57
CA LYS A 24 6.30 21.75 2.99
C LYS A 24 6.40 20.51 2.11
N ALA A 25 5.78 19.40 2.54
CA ALA A 25 5.83 18.17 1.76
C ALA A 25 5.15 18.36 0.41
N LYS A 26 4.09 19.16 0.36
CA LYS A 26 3.40 19.39 -0.90
C LYS A 26 4.26 20.21 -1.86
N GLU A 27 4.95 21.23 -1.33
CA GLU A 27 5.86 22.01 -2.15
C GLU A 27 6.95 21.12 -2.76
N GLU A 28 7.49 20.19 -1.97
CA GLU A 28 8.56 19.32 -2.46
C GLU A 28 8.04 18.33 -3.49
N PHE A 29 6.83 17.79 -3.25
CA PHE A 29 6.21 16.87 -4.20
C PHE A 29 5.97 17.54 -5.54
N LEU A 30 5.40 18.74 -5.53
CA LEU A 30 5.04 19.39 -6.79
C LEU A 30 6.27 19.69 -7.63
N LYS A 31 7.38 20.08 -6.99
CA LYS A 31 8.61 20.29 -7.76
C LYS A 31 8.99 19.04 -8.56
N LYS A 32 8.94 17.85 -7.91
CA LYS A 32 9.29 16.61 -8.60
C LYS A 32 8.18 16.14 -9.56
N TRP A 33 6.92 16.45 -9.26
CA TRP A 33 5.80 15.98 -10.07
C TRP A 33 5.77 16.67 -11.43
N GLU A 34 6.14 17.96 -11.45
CA GLU A 34 6.20 18.71 -12.70
C GLU A 34 7.48 18.45 -13.48
N SER A 35 8.50 17.84 -12.87
CA SER A 35 9.80 17.64 -13.49
C SER A 35 10.26 16.19 -13.31
N PRO A 36 9.61 15.25 -13.99
CA PRO A 36 9.94 13.84 -13.76
C PRO A 36 11.27 13.40 -14.39
N ASN A 39 14.88 7.08 -18.02
CA ASN A 39 15.85 6.20 -18.68
C ASN A 39 17.17 6.20 -17.90
N THR A 40 17.05 6.03 -16.60
CA THR A 40 18.17 6.20 -15.68
C THR A 40 19.08 4.96 -15.59
N ALA A 41 18.81 3.89 -16.36
CA ALA A 41 19.66 2.68 -16.37
C ALA A 41 19.26 1.81 -17.55
N GLN A 42 19.86 0.62 -17.66
CA GLN A 42 19.46 -0.34 -18.69
C GLN A 42 19.62 -1.75 -18.14
N LEU A 43 19.04 -2.71 -18.87
CA LEU A 43 18.82 -4.04 -18.30
C LEU A 43 20.13 -4.76 -18.02
N ASP A 44 21.12 -4.64 -18.90
CA ASP A 44 22.35 -5.41 -18.68
C ASP A 44 23.27 -4.78 -17.64
N HIS A 45 22.83 -3.73 -16.95
CA HIS A 45 23.52 -3.23 -15.77
C HIS A 45 23.25 -4.07 -14.52
N PHE A 46 22.37 -5.07 -14.60
CA PHE A 46 21.93 -5.85 -13.44
C PHE A 46 22.06 -7.34 -13.69
N ASP A 47 22.47 -8.08 -12.66
CA ASP A 47 22.30 -9.52 -12.63
C ASP A 47 20.94 -9.85 -12.03
N ARG A 48 20.21 -10.76 -12.67
CA ARG A 48 18.92 -11.17 -12.13
C ARG A 48 19.13 -12.38 -11.24
N ILE A 49 18.61 -12.31 -10.01
CA ILE A 49 18.90 -13.30 -8.97
C ILE A 49 17.71 -14.23 -8.72
N LYS A 50 16.53 -13.67 -8.42
CA LYS A 50 15.42 -14.52 -7.97
C LYS A 50 14.12 -13.75 -8.14
N THR A 51 13.05 -14.47 -8.48
CA THR A 51 11.71 -13.87 -8.47
C THR A 51 11.15 -13.77 -7.05
N LEU A 52 10.71 -12.57 -6.68
CA LEU A 52 10.18 -12.30 -5.35
C LEU A 52 8.66 -12.26 -5.27
N GLY A 53 7.98 -12.14 -6.41
CA GLY A 53 6.53 -12.05 -6.46
C GLY A 53 6.08 -12.00 -7.92
N THR A 54 4.86 -12.44 -8.23
CA THR A 54 4.38 -12.48 -9.61
C THR A 54 2.89 -12.13 -9.66
N GLY A 55 2.50 -11.34 -10.65
CA GLY A 55 1.11 -11.02 -10.93
C GLY A 55 0.74 -11.14 -12.40
N SER A 56 -0.40 -10.61 -12.80
CA SER A 56 -0.95 -10.91 -14.13
C SER A 56 -0.16 -10.24 -15.26
N PHE A 57 0.51 -9.12 -15.00
CA PHE A 57 1.21 -8.38 -16.05
C PHE A 57 2.73 -8.48 -15.96
N GLY A 58 3.27 -9.15 -14.94
CA GLY A 58 4.72 -9.19 -14.79
C GLY A 58 5.16 -9.79 -13.47
N ARG A 59 6.30 -9.31 -12.97
N ARG A 59 6.30 -9.31 -12.98
CA ARG A 59 6.91 -9.91 -11.80
CA ARG A 59 6.91 -9.92 -11.79
C ARG A 59 7.88 -8.92 -11.18
C ARG A 59 7.92 -8.96 -11.19
N VAL A 60 8.26 -9.20 -9.93
CA VAL A 60 9.31 -8.45 -9.25
C VAL A 60 10.44 -9.41 -8.95
N MET A 61 11.68 -9.00 -9.29
CA MET A 61 12.85 -9.83 -9.10
C MET A 61 13.87 -9.14 -8.21
N LEU A 62 14.55 -9.91 -7.38
CA LEU A 62 15.80 -9.43 -6.79
C LEU A 62 16.86 -9.35 -7.87
N VAL A 63 17.52 -8.19 -8.00
CA VAL A 63 18.61 -8.00 -8.95
C VAL A 63 19.79 -7.42 -8.21
N LYS A 64 20.98 -7.59 -8.79
CA LYS A 64 22.19 -6.99 -8.26
C LYS A 64 22.80 -6.08 -9.33
N HIS A 65 23.10 -4.84 -8.94
CA HIS A 65 23.74 -3.89 -9.82
C HIS A 65 25.20 -4.30 -10.05
N LYS A 66 25.59 -4.45 -11.32
CA LYS A 66 26.89 -5.04 -11.62
C LYS A 66 28.03 -4.14 -11.16
N GLU A 67 27.91 -2.83 -11.39
CA GLU A 67 29.00 -1.91 -11.05
C GLU A 67 29.17 -1.76 -9.54
N THR A 68 28.08 -1.47 -8.82
CA THR A 68 28.14 -1.18 -7.39
C THR A 68 28.00 -2.42 -6.51
N GLY A 69 27.40 -3.48 -7.02
CA GLY A 69 27.06 -4.62 -6.18
C GLY A 69 25.85 -4.43 -5.29
N ASN A 70 25.17 -3.28 -5.37
CA ASN A 70 23.98 -3.06 -4.58
C ASN A 70 22.83 -3.94 -5.06
N HIS A 71 21.98 -4.35 -4.13
CA HIS A 71 20.79 -5.13 -4.47
C HIS A 71 19.56 -4.23 -4.55
N TYR A 72 18.64 -4.58 -5.45
CA TYR A 72 17.41 -3.83 -5.65
C TYR A 72 16.31 -4.80 -5.98
N ALA A 73 15.06 -4.35 -5.85
CA ALA A 73 13.89 -5.05 -6.39
C ALA A 73 13.51 -4.44 -7.74
N MET A 74 13.44 -5.27 -8.78
CA MET A 74 13.11 -4.79 -10.13
C MET A 74 11.73 -5.31 -10.52
N LYS A 75 10.79 -4.39 -10.74
CA LYS A 75 9.48 -4.73 -11.29
C LYS A 75 9.58 -4.73 -12.82
N ILE A 76 9.14 -5.83 -13.45
CA ILE A 76 9.15 -6.00 -14.90
C ILE A 76 7.71 -6.14 -15.38
N LEU A 77 7.31 -5.29 -16.32
N LEU A 77 7.29 -5.26 -16.28
CA LEU A 77 5.95 -5.31 -16.88
CA LEU A 77 5.96 -5.32 -16.88
C LEU A 77 6.03 -5.60 -18.38
C LEU A 77 6.08 -5.64 -18.36
N ASP A 78 5.30 -6.61 -18.82
CA ASP A 78 5.25 -6.96 -20.24
C ASP A 78 4.34 -5.97 -20.95
N LYS A 79 4.91 -5.16 -21.84
CA LYS A 79 4.13 -4.08 -22.46
C LYS A 79 2.90 -4.61 -23.17
N GLN A 80 3.02 -5.75 -23.86
CA GLN A 80 1.87 -6.31 -24.55
C GLN A 80 0.80 -6.75 -23.55
N LYS A 81 1.20 -7.32 -22.40
CA LYS A 81 0.23 -7.74 -21.41
C LYS A 81 -0.46 -6.54 -20.75
N VAL A 82 0.24 -5.41 -20.69
CA VAL A 82 -0.40 -4.16 -20.26
C VAL A 82 -1.24 -3.73 -21.46
N VAL A 83 -2.36 -4.41 -21.69
CA VAL A 83 -3.13 -4.24 -22.91
C VAL A 83 -4.39 -3.40 -22.69
N LYS A 84 -5.07 -3.61 -21.56
CA LYS A 84 -6.32 -2.94 -21.27
C LYS A 84 -6.09 -1.46 -20.98
N LEU A 85 -7.08 -0.63 -21.34
CA LEU A 85 -6.93 0.82 -21.26
C LEU A 85 -6.49 1.26 -19.86
N LYS A 86 -7.26 0.88 -18.85
N LYS A 86 -7.26 0.88 -18.84
CA LYS A 86 -6.90 1.32 -17.50
CA LYS A 86 -6.90 1.30 -17.49
C LYS A 86 -5.59 0.70 -17.05
C LYS A 86 -5.59 0.70 -17.03
N GLN A 87 -5.22 -0.47 -17.57
CA GLN A 87 -3.90 -1.04 -17.28
C GLN A 87 -2.75 -0.10 -17.71
N ILE A 88 -2.87 0.53 -18.89
CA ILE A 88 -1.83 1.45 -19.40
C ILE A 88 -1.72 2.72 -18.54
N GLU A 89 -2.84 3.44 -18.34
CA GLU A 89 -2.86 4.69 -17.58
C GLU A 89 -2.33 4.46 -16.17
N HIS A 90 -2.69 3.32 -15.58
CA HIS A 90 -2.25 2.97 -14.23
C HIS A 90 -0.73 2.81 -14.13
N THR A 91 -0.09 2.27 -15.18
N THR A 91 -0.09 2.28 -15.18
CA THR A 91 1.38 2.14 -15.15
CA THR A 91 1.36 2.12 -15.17
C THR A 91 2.05 3.50 -15.18
C THR A 91 2.07 3.47 -15.22
N LEU A 92 1.51 4.42 -15.98
CA LEU A 92 2.08 5.77 -16.02
C LEU A 92 1.87 6.48 -14.67
N ASN A 93 0.70 6.29 -14.04
CA ASN A 93 0.48 6.80 -12.67
C ASN A 93 1.55 6.30 -11.72
N GLU A 94 1.77 4.98 -11.74
CA GLU A 94 2.68 4.35 -10.78
C GLU A 94 4.08 4.96 -10.85
N LYS A 95 4.64 5.05 -12.07
CA LYS A 95 5.99 5.56 -12.20
C LYS A 95 6.07 7.02 -11.76
N ARG A 96 5.13 7.84 -12.22
CA ARG A 96 5.22 9.27 -11.94
C ARG A 96 5.05 9.55 -10.45
N ILE A 97 4.15 8.82 -9.78
CA ILE A 97 3.94 9.05 -8.35
C ILE A 97 5.17 8.60 -7.57
N LEU A 98 5.70 7.42 -7.91
CA LEU A 98 6.87 6.93 -7.17
C LEU A 98 8.07 7.87 -7.31
N GLN A 99 8.25 8.48 -8.49
N GLN A 99 8.25 8.44 -8.50
CA GLN A 99 9.39 9.36 -8.66
CA GLN A 99 9.33 9.40 -8.72
C GLN A 99 9.23 10.71 -7.96
C GLN A 99 9.25 10.58 -7.75
N ALA A 100 8.04 11.01 -7.42
CA ALA A 100 7.80 12.32 -6.82
C ALA A 100 7.58 12.30 -5.31
N VAL A 101 7.20 11.16 -4.72
CA VAL A 101 6.89 11.11 -3.28
C VAL A 101 8.17 10.87 -2.47
N ASN A 102 8.07 11.14 -1.16
CA ASN A 102 9.18 10.95 -0.22
C ASN A 102 8.56 10.81 1.16
N PHE A 103 8.63 9.61 1.75
CA PHE A 103 8.06 9.37 3.08
C PHE A 103 8.73 8.13 3.64
N PRO A 104 8.92 8.03 4.97
CA PRO A 104 9.78 6.96 5.49
C PRO A 104 9.19 5.58 5.33
N PHE A 105 7.89 5.47 5.04
CA PHE A 105 7.24 4.18 4.92
C PHE A 105 6.85 3.89 3.48
N LEU A 106 7.35 4.67 2.54
CA LEU A 106 7.05 4.47 1.12
C LEU A 106 8.31 4.02 0.42
N VAL A 107 8.20 2.97 -0.40
CA VAL A 107 9.41 2.45 -1.06
C VAL A 107 10.01 3.48 -2.00
N LYS A 108 11.34 3.50 -2.08
CA LYS A 108 12.06 4.50 -2.86
C LYS A 108 12.45 3.94 -4.24
N LEU A 109 12.01 4.62 -5.29
CA LEU A 109 12.39 4.28 -6.66
C LEU A 109 13.79 4.80 -6.97
N GLU A 110 14.59 3.95 -7.62
CA GLU A 110 15.97 4.28 -7.98
C GLU A 110 16.17 4.47 -9.47
N PHE A 111 15.61 3.61 -10.31
CA PHE A 111 15.73 3.75 -11.76
C PHE A 111 14.43 3.33 -12.42
N SER A 112 14.20 3.86 -13.63
CA SER A 112 13.17 3.28 -14.48
C SER A 112 13.64 3.38 -15.93
N PHE A 113 13.22 2.43 -16.75
CA PHE A 113 13.62 2.42 -18.15
C PHE A 113 12.71 1.44 -18.89
N LYS A 114 12.87 1.36 -20.21
CA LYS A 114 12.00 0.49 -21.00
C LYS A 114 12.81 -0.04 -22.17
N ASP A 115 12.37 -1.15 -22.73
CA ASP A 115 13.02 -1.66 -23.95
C ASP A 115 11.92 -2.06 -24.94
N ASN A 116 12.28 -2.88 -25.93
CA ASN A 116 11.32 -3.28 -26.95
C ASN A 116 10.13 -4.01 -26.37
N SER A 117 10.32 -4.78 -25.28
CA SER A 117 9.27 -5.64 -24.77
C SER A 117 8.69 -5.20 -23.45
N ASN A 118 9.50 -4.60 -22.57
CA ASN A 118 9.12 -4.44 -21.17
C ASN A 118 9.31 -3.00 -20.67
N LEU A 119 8.58 -2.72 -19.57
CA LEU A 119 8.82 -1.57 -18.71
C LEU A 119 9.51 -2.06 -17.44
N TYR A 120 10.43 -1.26 -16.90
CA TYR A 120 11.17 -1.61 -15.69
C TYR A 120 11.16 -0.49 -14.66
N MET A 121 10.92 -0.85 -13.39
CA MET A 121 11.08 0.06 -12.26
C MET A 121 11.95 -0.63 -11.22
N VAL A 122 13.04 0.01 -10.83
CA VAL A 122 14.04 -0.56 -9.93
C VAL A 122 13.93 0.20 -8.62
N MET A 123 13.60 -0.50 -7.54
N MET A 123 13.55 -0.50 -7.54
CA MET A 123 13.34 0.11 -6.24
CA MET A 123 13.27 0.11 -6.23
C MET A 123 14.31 -0.42 -5.20
C MET A 123 14.14 -0.52 -5.15
N GLU A 124 14.24 0.17 -4.01
CA GLU A 124 14.96 -0.37 -2.85
C GLU A 124 14.46 -1.79 -2.52
N TYR A 125 15.41 -2.70 -2.28
CA TYR A 125 15.10 -4.06 -1.83
C TYR A 125 14.81 -4.05 -0.33
N VAL A 126 13.66 -4.60 0.06
CA VAL A 126 13.22 -4.66 1.46
C VAL A 126 13.23 -6.12 1.89
N PRO A 127 14.24 -6.56 2.63
CA PRO A 127 14.50 -8.01 2.73
C PRO A 127 13.67 -8.76 3.75
N GLY A 128 12.89 -8.07 4.59
CA GLY A 128 12.20 -8.81 5.62
C GLY A 128 10.94 -9.54 5.17
N GLY A 129 10.55 -9.41 3.90
CA GLY A 129 9.41 -10.14 3.38
C GLY A 129 8.09 -9.37 3.51
N GLU A 130 7.04 -9.96 2.92
CA GLU A 130 5.69 -9.41 2.98
C GLU A 130 5.08 -9.62 4.38
N MET A 131 4.37 -8.58 4.86
CA MET A 131 3.51 -8.78 6.04
C MET A 131 2.62 -10.01 5.86
N PHE A 132 2.13 -10.23 4.63
CA PHE A 132 1.23 -11.34 4.36
C PHE A 132 1.78 -12.69 4.86
N SER A 133 3.04 -13.01 4.56
N SER A 133 3.04 -13.00 4.49
CA SER A 133 3.50 -14.36 4.92
CA SER A 133 3.68 -14.25 4.88
C SER A 133 3.82 -14.48 6.42
C SER A 133 3.69 -14.39 6.40
N HIS A 134 4.29 -13.40 7.06
CA HIS A 134 4.40 -13.44 8.53
C HIS A 134 3.04 -13.61 9.19
N LEU A 135 2.01 -12.88 8.73
CA LEU A 135 0.68 -12.97 9.31
C LEU A 135 0.08 -14.38 9.11
N ARG A 136 0.20 -14.94 7.89
CA ARG A 136 -0.36 -16.27 7.69
C ARG A 136 0.39 -17.32 8.53
N ARG A 137 1.69 -17.12 8.76
CA ARG A 137 2.51 -18.09 9.48
C ARG A 137 2.17 -18.09 10.97
N ILE A 138 1.98 -16.89 11.54
CA ILE A 138 1.71 -16.78 12.98
C ILE A 138 0.22 -16.87 13.28
N GLY A 139 -0.64 -16.62 12.29
CA GLY A 139 -2.08 -16.64 12.50
C GLY A 139 -2.67 -15.26 12.63
N ARG A 140 -2.42 -14.57 13.75
CA ARG A 140 -2.86 -13.19 13.91
C ARG A 140 -1.83 -12.43 14.75
N PHE A 141 -1.86 -11.10 14.62
CA PHE A 141 -1.04 -10.22 15.45
C PHE A 141 -1.81 -9.78 16.70
N GLU A 143 -3.08 -7.05 19.50
CA GLU A 143 -3.49 -5.69 19.18
C GLU A 143 -2.34 -4.64 19.23
N PRO A 144 -1.42 -4.69 20.20
CA PRO A 144 -0.29 -3.71 20.13
C PRO A 144 0.54 -3.87 18.88
N HIS A 145 0.74 -5.11 18.42
CA HIS A 145 1.51 -5.39 17.20
C HIS A 145 0.77 -4.84 15.97
N ALA A 146 -0.54 -5.15 15.87
CA ALA A 146 -1.35 -4.63 14.77
C ALA A 146 -1.38 -3.10 14.79
N ARG A 147 -1.44 -2.50 15.99
CA ARG A 147 -1.52 -1.05 16.14
C ARG A 147 -0.24 -0.36 15.64
N PHE A 148 0.92 -0.95 15.91
CA PHE A 148 2.19 -0.39 15.45
C PHE A 148 2.21 -0.29 13.92
N TYR A 149 1.75 -1.35 13.23
CA TYR A 149 1.70 -1.25 11.77
C TYR A 149 0.60 -0.30 11.30
N ALA A 150 -0.59 -0.37 11.91
CA ALA A 150 -1.68 0.52 11.54
C ALA A 150 -1.26 1.98 11.62
N ALA A 151 -0.51 2.35 12.69
CA ALA A 151 -0.12 3.75 12.82
C ALA A 151 0.72 4.23 11.64
N GLN A 152 1.58 3.36 11.10
CA GLN A 152 2.38 3.74 9.94
C GLN A 152 1.50 3.92 8.71
N ILE A 153 0.46 3.08 8.54
CA ILE A 153 -0.44 3.28 7.41
C ILE A 153 -1.22 4.58 7.57
N VAL A 154 -1.71 4.88 8.79
CA VAL A 154 -2.44 6.14 8.99
C VAL A 154 -1.58 7.33 8.58
N LEU A 155 -0.31 7.36 9.02
CA LEU A 155 0.58 8.47 8.67
C LEU A 155 0.86 8.53 7.19
N THR A 156 1.02 7.37 6.55
CA THR A 156 1.30 7.34 5.11
C THR A 156 0.10 7.83 4.30
N PHE A 157 -1.12 7.43 4.69
CA PHE A 157 -2.31 7.92 4.00
C PHE A 157 -2.52 9.41 4.28
N GLU A 158 -2.24 9.89 5.51
CA GLU A 158 -2.33 11.33 5.75
C GLU A 158 -1.42 12.11 4.79
N TYR A 159 -0.22 11.59 4.59
CA TYR A 159 0.73 12.19 3.65
C TYR A 159 0.22 12.10 2.21
N LEU A 160 -0.15 10.91 1.74
CA LEU A 160 -0.58 10.78 0.35
C LEU A 160 -1.82 11.63 0.07
N HIS A 161 -2.82 11.58 0.98
CA HIS A 161 -4.08 12.28 0.70
C HIS A 161 -3.87 13.80 0.68
N SER A 162 -2.90 14.30 1.45
CA SER A 162 -2.62 15.73 1.44
C SER A 162 -2.07 16.19 0.07
N LEU A 163 -1.48 15.26 -0.70
CA LEU A 163 -1.00 15.49 -2.04
C LEU A 163 -2.04 15.18 -3.09
N ASP A 164 -3.28 14.91 -2.65
CA ASP A 164 -4.40 14.49 -3.51
C ASP A 164 -4.11 13.15 -4.17
N LEU A 165 -3.35 12.29 -3.50
CA LEU A 165 -3.13 10.92 -4.02
C LEU A 165 -3.97 9.89 -3.26
N ILE A 166 -4.69 9.07 -4.00
N ILE A 166 -4.66 9.02 -4.00
CA ILE A 166 -5.38 7.91 -3.43
CA ILE A 166 -5.38 7.90 -3.41
C ILE A 166 -4.52 6.69 -3.72
C ILE A 166 -4.66 6.60 -3.79
N TYR A 167 -4.49 5.72 -2.80
CA TYR A 167 -3.59 4.56 -2.91
C TYR A 167 -4.27 3.36 -3.58
N ARG A 168 -5.40 2.93 -3.04
CA ARG A 168 -6.35 2.02 -3.69
C ARG A 168 -5.89 0.58 -3.79
N ASP A 169 -4.83 0.15 -3.12
CA ASP A 169 -4.56 -1.29 -3.07
C ASP A 169 -3.90 -1.70 -1.76
N LEU A 170 -4.43 -1.21 -0.64
CA LEU A 170 -3.92 -1.67 0.65
C LEU A 170 -4.26 -3.13 0.90
N LYS A 171 -3.26 -3.91 1.30
CA LYS A 171 -3.40 -5.28 1.76
C LYS A 171 -2.05 -5.79 2.26
N PRO A 172 -2.04 -6.86 3.08
CA PRO A 172 -0.74 -7.37 3.62
C PRO A 172 0.24 -7.80 2.53
N GLU A 173 -0.24 -8.22 1.36
CA GLU A 173 0.67 -8.60 0.28
C GLU A 173 1.53 -7.45 -0.22
N ASN A 174 1.08 -6.19 -0.01
CA ASN A 174 1.73 -5.01 -0.53
C ASN A 174 2.54 -4.28 0.54
N LEU A 175 2.71 -4.86 1.71
CA LEU A 175 3.38 -4.20 2.85
C LEU A 175 4.61 -5.04 3.20
N LEU A 176 5.81 -4.51 2.94
CA LEU A 176 7.03 -5.24 3.25
C LEU A 176 7.59 -4.79 4.60
N ILE A 177 8.34 -5.67 5.25
N ILE A 177 8.32 -5.68 5.26
CA ILE A 177 8.90 -5.39 6.57
CA ILE A 177 8.93 -5.41 6.55
C ILE A 177 10.40 -5.16 6.40
C ILE A 177 10.41 -5.14 6.34
N ASP A 178 10.90 -3.99 6.83
CA ASP A 178 12.31 -3.67 6.66
C ASP A 178 13.18 -4.19 7.82
N GLN A 179 14.49 -3.90 7.74
CA GLN A 179 15.42 -4.48 8.71
C GLN A 179 15.19 -3.99 10.13
N GLN A 180 14.48 -2.87 10.31
CA GLN A 180 14.15 -2.37 11.64
C GLN A 180 12.74 -2.76 12.09
N GLY A 181 12.04 -3.60 11.31
CA GLY A 181 10.67 -4.00 11.63
C GLY A 181 9.59 -3.01 11.27
N TYR A 182 9.92 -1.95 10.54
CA TYR A 182 8.93 -0.98 10.08
C TYR A 182 8.40 -1.38 8.69
N ILE A 183 7.31 -0.71 8.26
N ILE A 183 7.28 -0.76 8.30
CA ILE A 183 6.59 -1.06 7.04
CA ILE A 183 6.59 -1.04 7.03
C ILE A 183 7.06 -0.22 5.87
C ILE A 183 7.19 -0.25 5.89
N GLN A 184 7.22 -0.87 4.72
CA GLN A 184 7.43 -0.21 3.43
C GLN A 184 6.25 -0.52 2.51
N VAL A 185 5.50 0.50 2.13
CA VAL A 185 4.41 0.33 1.18
C VAL A 185 5.02 0.24 -0.20
N THR A 186 4.68 -0.83 -0.93
CA THR A 186 5.10 -0.95 -2.29
C THR A 186 3.84 -1.05 -3.14
N ASP A 187 4.05 -1.19 -4.44
N ASP A 187 4.05 -1.38 -4.39
CA ASP A 187 3.03 -1.47 -5.43
CA ASP A 187 2.99 -1.41 -5.37
C ASP A 187 2.03 -0.32 -5.58
C ASP A 187 2.20 -0.12 -5.31
N PHE A 188 2.49 0.75 -6.26
CA PHE A 188 1.67 1.92 -6.51
C PHE A 188 0.92 1.79 -7.83
N GLY A 189 0.67 0.54 -8.24
CA GLY A 189 0.02 0.32 -9.53
C GLY A 189 -1.38 0.88 -9.66
N PHE A 190 -2.06 1.08 -8.52
N PHE A 190 -2.10 1.11 -8.55
CA PHE A 190 -3.43 1.56 -8.44
CA PHE A 190 -3.42 1.74 -8.67
C PHE A 190 -3.51 2.99 -7.87
C PHE A 190 -3.47 3.14 -8.09
N ALA A 191 -2.36 3.62 -7.56
CA ALA A 191 -2.38 4.96 -7.01
C ALA A 191 -2.66 6.00 -8.09
N LYS A 192 -3.30 7.10 -7.69
CA LYS A 192 -3.73 8.09 -8.65
C LYS A 192 -3.88 9.45 -7.99
N ARG A 193 -3.52 10.50 -8.72
CA ARG A 193 -3.82 11.87 -8.26
C ARG A 193 -5.26 12.25 -8.66
N VAL A 194 -6.08 12.57 -7.64
CA VAL A 194 -7.53 12.76 -7.77
C VAL A 194 -7.88 14.01 -7.00
N LYS A 195 -8.39 15.03 -7.68
CA LYS A 195 -8.72 16.24 -6.93
C LYS A 195 -10.06 16.13 -6.22
N GLY A 196 -10.97 15.31 -6.74
CA GLY A 196 -12.27 15.10 -6.11
C GLY A 196 -12.72 13.65 -6.20
N ARG A 197 -13.46 13.29 -7.25
CA ARG A 197 -13.90 11.91 -7.45
C ARG A 197 -13.17 11.25 -8.60
N THR A 198 -13.21 9.92 -8.59
CA THR A 198 -12.71 9.11 -9.71
C THR A 198 -13.63 7.90 -9.85
N TRP A 199 -13.53 7.21 -10.98
CA TRP A 199 -14.57 6.23 -11.34
C TRP A 199 -14.07 4.81 -11.71
N LEU A 201 -13.21 1.02 -11.70
CA LEU A 201 -13.48 -0.13 -10.84
C LEU A 201 -12.21 -0.94 -10.67
N CYS A 202 -11.44 -0.73 -9.60
CA CYS A 202 -10.17 -1.42 -9.46
C CYS A 202 -9.89 -1.60 -7.96
N GLY A 203 -9.03 -2.58 -7.68
CA GLY A 203 -8.52 -2.92 -6.36
C GLY A 203 -8.61 -4.43 -6.17
N THR A 204 -8.56 -4.86 -4.92
CA THR A 204 -8.60 -6.28 -4.57
C THR A 204 -9.91 -6.58 -3.85
N PRO A 205 -10.66 -7.60 -4.26
CA PRO A 205 -12.05 -7.78 -3.79
C PRO A 205 -12.27 -7.61 -2.28
N GLU A 206 -11.51 -8.33 -1.43
CA GLU A 206 -11.74 -8.25 0.02
C GLU A 206 -11.57 -6.84 0.57
N TYR A 207 -10.82 -5.98 -0.11
CA TYR A 207 -10.49 -4.63 0.40
C TYR A 207 -11.30 -3.51 -0.26
N LEU A 208 -12.22 -3.83 -1.19
CA LEU A 208 -12.98 -2.79 -1.90
C LEU A 208 -14.05 -2.17 -1.01
N ALA A 209 -14.09 -0.82 -0.99
CA ALA A 209 -15.18 -0.08 -0.34
C ALA A 209 -16.52 -0.30 -1.08
N PRO A 210 -17.65 -0.20 -0.39
CA PRO A 210 -18.94 -0.48 -1.07
C PRO A 210 -19.19 0.44 -2.27
N GLU A 211 -18.79 1.72 -2.18
CA GLU A 211 -19.05 2.65 -3.26
C GLU A 211 -18.29 2.26 -4.53
N ILE A 212 -17.13 1.57 -4.40
CA ILE A 212 -16.45 1.08 -5.60
C ILE A 212 -17.30 -0.01 -6.26
N ILE A 213 -17.70 -1.00 -5.46
CA ILE A 213 -18.50 -2.13 -5.96
C ILE A 213 -19.79 -1.64 -6.62
N LEU A 214 -20.41 -0.61 -6.06
CA LEU A 214 -21.68 -0.07 -6.57
C LEU A 214 -21.50 0.88 -7.75
N SER A 215 -20.30 0.99 -8.33
CA SER A 215 -20.07 1.83 -9.52
C SER A 215 -20.39 3.29 -9.26
N LYS A 216 -20.16 3.76 -8.04
CA LYS A 216 -20.30 5.18 -7.74
C LYS A 216 -18.95 5.86 -7.89
N GLY A 217 -18.97 7.13 -8.29
CA GLY A 217 -17.76 7.94 -8.21
C GLY A 217 -17.34 8.05 -6.75
N TYR A 218 -16.05 7.88 -6.51
CA TYR A 218 -15.61 7.77 -5.13
C TYR A 218 -14.36 8.61 -4.92
N ASN A 219 -13.96 8.74 -3.66
CA ASN A 219 -12.83 9.60 -3.30
C ASN A 219 -11.88 8.87 -2.33
N LYS A 220 -11.00 9.66 -1.68
CA LYS A 220 -9.96 9.10 -0.83
C LYS A 220 -10.52 8.30 0.36
N ALA A 221 -11.81 8.46 0.68
CA ALA A 221 -12.38 7.67 1.77
C ALA A 221 -12.33 6.17 1.50
N VAL A 222 -12.15 5.72 0.24
CA VAL A 222 -11.99 4.28 0.04
C VAL A 222 -10.72 3.74 0.71
N ASP A 223 -9.68 4.58 0.89
CA ASP A 223 -8.48 4.13 1.57
C ASP A 223 -8.74 3.94 3.07
N TRP A 224 -9.61 4.78 3.66
CA TRP A 224 -9.90 4.60 5.08
C TRP A 224 -10.76 3.37 5.35
N TRP A 225 -11.70 3.05 4.44
CA TRP A 225 -12.37 1.75 4.52
C TRP A 225 -11.35 0.62 4.46
N ALA A 226 -10.43 0.67 3.48
CA ALA A 226 -9.42 -0.39 3.35
C ALA A 226 -8.54 -0.53 4.60
N LEU A 227 -8.21 0.60 5.27
CA LEU A 227 -7.51 0.52 6.55
C LEU A 227 -8.30 -0.26 7.59
N GLY A 228 -9.64 -0.09 7.63
CA GLY A 228 -10.46 -0.93 8.51
C GLY A 228 -10.35 -2.41 8.20
N VAL A 229 -10.38 -2.76 6.90
CA VAL A 229 -10.19 -4.17 6.50
C VAL A 229 -8.83 -4.68 6.96
N LEU A 230 -7.76 -3.90 6.72
CA LEU A 230 -6.41 -4.30 7.09
C LEU A 230 -6.28 -4.50 8.61
N ILE A 231 -6.76 -3.53 9.40
CA ILE A 231 -6.61 -3.69 10.86
C ILE A 231 -7.37 -4.94 11.33
N TYR A 232 -8.61 -5.14 10.83
CA TYR A 232 -9.38 -6.34 11.15
C TYR A 232 -8.58 -7.60 10.79
N GLU A 233 -8.04 -7.67 9.56
CA GLU A 233 -7.31 -8.88 9.16
C GLU A 233 -6.05 -9.11 10.01
N MET A 234 -5.31 -8.03 10.32
CA MET A 234 -4.12 -8.19 11.16
C MET A 234 -4.48 -8.74 12.54
N ALA A 235 -5.58 -8.25 13.14
CA ALA A 235 -5.93 -8.64 14.50
C ALA A 235 -6.71 -9.96 14.58
N ALA A 236 -7.41 -10.35 13.50
CA ALA A 236 -8.20 -11.57 13.47
C ALA A 236 -7.49 -12.71 12.79
N GLY A 237 -6.67 -12.40 11.78
CA GLY A 237 -6.04 -13.39 10.94
C GLY A 237 -6.77 -13.68 9.63
N TYR A 238 -7.95 -13.09 9.46
CA TYR A 238 -8.76 -13.19 8.25
C TYR A 238 -9.53 -11.90 8.10
N PRO A 239 -9.91 -11.52 6.89
CA PRO A 239 -10.59 -10.23 6.68
C PRO A 239 -12.07 -10.31 7.01
N PRO A 240 -12.75 -9.16 7.15
CA PRO A 240 -14.15 -9.14 7.66
C PRO A 240 -15.18 -9.66 6.65
N PHE A 241 -14.86 -9.58 5.34
CA PHE A 241 -15.77 -10.00 4.27
C PHE A 241 -15.03 -11.09 3.51
N PHE A 242 -15.39 -12.34 3.79
CA PHE A 242 -14.56 -13.52 3.54
C PHE A 242 -15.45 -14.56 2.86
N ALA A 243 -15.14 -14.86 1.59
CA ALA A 243 -15.90 -15.84 0.82
C ALA A 243 -15.03 -16.34 -0.33
N ASP A 244 -15.43 -17.47 -0.91
CA ASP A 244 -14.56 -18.12 -1.89
C ASP A 244 -14.51 -17.39 -3.23
N GLN A 245 -15.61 -16.74 -3.62
CA GLN A 245 -15.70 -16.11 -4.93
C GLN A 245 -15.91 -14.61 -4.80
N PRO A 246 -15.27 -13.81 -5.67
CA PRO A 246 -15.48 -12.35 -5.59
C PRO A 246 -16.94 -11.89 -5.53
N ILE A 247 -17.86 -12.50 -6.28
CA ILE A 247 -19.25 -12.03 -6.24
C ILE A 247 -19.83 -12.16 -4.82
N GLN A 248 -19.47 -13.23 -4.11
CA GLN A 248 -19.97 -13.40 -2.75
C GLN A 248 -19.35 -12.39 -1.80
N ILE A 249 -18.07 -12.10 -1.99
CA ILE A 249 -17.39 -11.07 -1.20
C ILE A 249 -18.10 -9.74 -1.37
N TYR A 250 -18.40 -9.36 -2.63
CA TYR A 250 -19.06 -8.07 -2.89
C TYR A 250 -20.40 -7.98 -2.19
N GLU A 251 -21.19 -9.07 -2.19
CA GLU A 251 -22.48 -9.06 -1.50
C GLU A 251 -22.32 -8.78 -0.01
N LYS A 252 -21.30 -9.38 0.63
CA LYS A 252 -21.09 -9.14 2.06
C LYS A 252 -20.68 -7.69 2.32
N ILE A 253 -19.82 -7.14 1.47
CA ILE A 253 -19.33 -5.78 1.67
C ILE A 253 -20.49 -4.78 1.64
N VAL A 254 -21.37 -4.91 0.66
CA VAL A 254 -22.47 -3.95 0.50
C VAL A 254 -23.55 -4.10 1.58
N SER A 255 -23.68 -5.28 2.18
CA SER A 255 -24.70 -5.51 3.21
C SER A 255 -24.62 -4.54 4.40
N GLY A 256 -23.43 -4.26 4.90
CA GLY A 256 -23.33 -3.45 6.10
C GLY A 256 -23.36 -4.21 7.43
N LYS A 257 -22.72 -5.40 7.51
CA LYS A 257 -22.99 -6.36 8.63
C LYS A 257 -21.79 -7.07 9.29
N VAL A 258 -20.85 -6.34 9.83
CA VAL A 258 -19.58 -6.94 10.24
C VAL A 258 -19.74 -7.65 11.58
N ARG A 259 -19.12 -8.80 11.72
CA ARG A 259 -19.01 -9.51 12.99
C ARG A 259 -17.54 -9.58 13.41
N PHE A 260 -17.32 -9.55 14.72
CA PHE A 260 -15.97 -9.49 15.27
C PHE A 260 -15.64 -10.71 16.12
N PRO A 261 -14.37 -11.17 16.11
CA PRO A 261 -13.96 -12.22 17.05
C PRO A 261 -14.19 -11.78 18.49
N SER A 262 -14.47 -12.76 19.36
CA SER A 262 -14.75 -12.42 20.75
C SER A 262 -13.52 -11.89 21.47
N HIS A 263 -12.31 -12.07 20.90
CA HIS A 263 -11.12 -11.55 21.55
C HIS A 263 -10.81 -10.09 21.19
N PHE A 264 -11.51 -9.49 20.24
CA PHE A 264 -11.29 -8.07 19.93
C PHE A 264 -11.70 -7.22 21.12
N SER A 265 -10.83 -6.27 21.47
CA SER A 265 -11.21 -5.27 22.49
C SER A 265 -12.37 -4.41 22.00
N SER A 266 -13.14 -3.88 22.95
CA SER A 266 -14.23 -2.96 22.58
C SER A 266 -13.71 -1.71 21.90
N ASP A 267 -12.53 -1.21 22.30
CA ASP A 267 -11.96 -0.06 21.60
C ASP A 267 -11.69 -0.39 20.14
N LEU A 268 -11.18 -1.61 19.87
CA LEU A 268 -10.91 -2.00 18.49
C LEU A 268 -12.20 -2.09 17.68
N LYS A 269 -13.22 -2.73 18.26
CA LYS A 269 -14.50 -2.84 17.55
C LYS A 269 -15.08 -1.47 17.24
N ASP A 270 -15.00 -0.52 18.19
CA ASP A 270 -15.53 0.81 17.93
C ASP A 270 -14.81 1.50 16.77
N LEU A 271 -13.48 1.44 16.75
CA LEU A 271 -12.72 2.01 15.63
C LEU A 271 -13.14 1.35 14.31
N LEU A 272 -13.25 0.02 14.32
CA LEU A 272 -13.56 -0.69 13.06
C LEU A 272 -14.98 -0.38 12.58
N ARG A 273 -15.94 -0.25 13.49
N ARG A 273 -15.94 -0.23 13.50
CA ARG A 273 -17.29 0.12 13.03
CA ARG A 273 -17.29 0.10 13.06
C ARG A 273 -17.30 1.49 12.36
C ARG A 273 -17.37 1.50 12.44
N ASN A 274 -16.44 2.41 12.80
CA ASN A 274 -16.41 3.73 12.19
C ASN A 274 -15.57 3.82 10.91
N LEU A 275 -14.63 2.88 10.70
CA LEU A 275 -13.91 2.77 9.41
C LEU A 275 -14.73 1.98 8.40
N LEU A 276 -15.28 0.86 8.83
CA LEU A 276 -16.07 -0.03 7.95
C LEU A 276 -17.52 0.46 7.93
N GLN A 277 -17.67 1.75 7.64
CA GLN A 277 -18.95 2.45 7.66
C GLN A 277 -19.40 2.67 6.23
N VAL A 278 -20.55 2.10 5.85
N VAL A 278 -20.54 2.07 5.86
CA VAL A 278 -21.02 2.26 4.48
CA VAL A 278 -21.04 2.25 4.50
C VAL A 278 -21.52 3.67 4.21
C VAL A 278 -21.43 3.70 4.23
N ASP A 279 -21.98 4.39 5.23
CA ASP A 279 -22.50 5.74 5.05
C ASP A 279 -21.31 6.72 5.04
N LEU A 280 -21.08 7.36 3.89
N LEU A 280 -21.06 7.35 3.89
CA LEU A 280 -19.91 8.23 3.75
CA LEU A 280 -19.89 8.22 3.77
C LEU A 280 -20.00 9.45 4.65
C LEU A 280 -19.99 9.48 4.62
N THR A 281 -21.20 9.87 5.04
CA THR A 281 -21.34 11.00 5.95
C THR A 281 -20.94 10.65 7.37
N LYS A 282 -20.63 9.37 7.64
CA LYS A 282 -20.28 8.90 8.97
C LYS A 282 -18.92 8.21 9.04
N ARG A 283 -18.22 8.01 7.91
CA ARG A 283 -17.00 7.20 7.92
C ARG A 283 -15.82 8.02 8.46
N PHE A 284 -15.12 7.46 9.44
CA PHE A 284 -13.92 8.12 9.94
C PHE A 284 -12.88 8.29 8.83
N GLY A 285 -12.20 9.42 8.86
CA GLY A 285 -11.34 9.85 7.80
C GLY A 285 -12.03 10.76 6.80
N ASN A 286 -13.37 10.75 6.79
CA ASN A 286 -14.15 11.48 5.81
C ASN A 286 -14.99 12.59 6.43
N LEU A 287 -14.77 12.92 7.70
CA LEU A 287 -15.58 13.91 8.39
C LEU A 287 -14.82 15.24 8.48
N LYS A 288 -15.47 16.22 9.13
CA LYS A 288 -14.87 17.55 9.18
C LYS A 288 -13.51 17.55 9.89
N ASN A 289 -13.31 16.66 10.86
N ASN A 289 -13.30 16.65 10.84
CA ASN A 289 -12.04 16.56 11.57
CA ASN A 289 -12.03 16.57 11.54
C ASN A 289 -11.01 15.75 10.79
C ASN A 289 -11.04 15.63 10.86
N GLY A 290 -11.39 15.11 9.68
CA GLY A 290 -10.41 14.41 8.85
C GLY A 290 -9.70 13.27 9.56
N VAL A 291 -8.37 13.20 9.38
CA VAL A 291 -7.59 12.09 9.90
C VAL A 291 -7.54 12.13 11.42
N ASN A 292 -7.80 13.29 12.01
CA ASN A 292 -7.73 13.38 13.46
C ASN A 292 -8.79 12.56 14.17
N ASP A 293 -9.92 12.24 13.54
CA ASP A 293 -10.86 11.33 14.21
C ASP A 293 -10.24 9.94 14.41
N ILE A 294 -9.34 9.55 13.51
CA ILE A 294 -8.65 8.26 13.65
C ILE A 294 -7.51 8.38 14.65
N LYS A 295 -6.63 9.38 14.47
CA LYS A 295 -5.45 9.50 15.32
C LYS A 295 -5.81 9.72 16.78
N ASN A 296 -6.96 10.33 17.06
CA ASN A 296 -7.39 10.62 18.43
C ASN A 296 -8.34 9.58 19.00
N HIS A 297 -8.60 8.50 18.25
CA HIS A 297 -9.47 7.44 18.75
C HIS A 297 -8.80 6.73 19.93
N LYS A 298 -9.63 6.23 20.85
CA LYS A 298 -9.14 5.55 22.04
C LYS A 298 -8.21 4.37 21.71
N TRP A 299 -8.47 3.63 20.62
CA TRP A 299 -7.58 2.51 20.35
C TRP A 299 -6.13 2.94 20.08
N PHE A 300 -5.92 4.19 19.66
CA PHE A 300 -4.60 4.74 19.41
C PHE A 300 -4.08 5.60 20.55
N ALA A 301 -4.71 5.52 21.72
CA ALA A 301 -4.33 6.41 22.84
C ALA A 301 -2.87 6.27 23.23
N THR A 302 -2.30 5.05 23.14
CA THR A 302 -0.90 4.83 23.49
C THR A 302 0.08 5.14 22.36
N THR A 303 -0.41 5.54 21.18
CA THR A 303 0.47 5.77 20.04
C THR A 303 1.09 7.16 20.10
N ASP A 304 2.42 7.19 20.03
CA ASP A 304 3.20 8.43 19.92
C ASP A 304 3.42 8.65 18.44
N TRP A 305 2.54 9.45 17.81
CA TRP A 305 2.55 9.62 16.37
C TRP A 305 3.87 10.18 15.85
N ILE A 306 4.45 11.18 16.54
CA ILE A 306 5.73 11.71 16.09
C ILE A 306 6.84 10.67 16.24
N ALA A 307 6.82 9.90 17.34
CA ALA A 307 7.84 8.88 17.54
C ALA A 307 7.75 7.77 16.50
N ILE A 308 6.54 7.45 16.03
CA ILE A 308 6.43 6.47 14.94
C ILE A 308 7.06 7.02 13.68
N TYR A 309 6.67 8.26 13.29
CA TYR A 309 7.26 8.93 12.14
C TYR A 309 8.77 8.98 12.22
N GLN A 310 9.31 9.37 13.39
CA GLN A 310 10.75 9.46 13.54
C GLN A 310 11.40 8.09 13.73
N ARG A 311 10.62 7.01 13.67
CA ARG A 311 11.14 5.64 13.81
C ARG A 311 11.87 5.44 15.14
N LYS A 312 11.36 6.08 16.21
CA LYS A 312 11.93 5.98 17.54
C LYS A 312 11.35 4.82 18.37
N VAL A 313 10.26 4.17 17.90
CA VAL A 313 9.54 3.17 18.68
C VAL A 313 10.14 1.79 18.39
N GLU A 314 10.35 0.99 19.42
CA GLU A 314 10.85 -0.37 19.23
C GLU A 314 9.83 -1.23 18.49
N ALA A 315 10.24 -1.89 17.40
CA ALA A 315 9.29 -2.69 16.63
C ALA A 315 8.96 -4.00 17.33
N PRO A 316 7.78 -4.56 17.07
CA PRO A 316 7.39 -5.80 17.74
C PRO A 316 8.12 -7.01 17.20
N PHE A 317 8.63 -6.94 15.98
CA PHE A 317 9.20 -8.10 15.31
C PHE A 317 10.32 -7.60 14.39
N ILE A 318 11.51 -8.18 14.50
CA ILE A 318 12.62 -7.85 13.60
C ILE A 318 12.90 -9.09 12.74
N PRO A 319 12.72 -9.02 11.42
CA PRO A 319 13.02 -10.22 10.59
C PRO A 319 14.48 -10.59 10.67
N LYS A 320 14.76 -11.89 10.53
CA LYS A 320 16.13 -12.37 10.46
C LYS A 320 16.72 -12.12 9.07
N PHE A 321 17.99 -11.71 9.04
CA PHE A 321 18.67 -11.37 7.80
C PHE A 321 20.07 -11.93 7.88
N LYS A 322 20.50 -12.65 6.83
CA LYS A 322 21.79 -13.33 6.84
C LYS A 322 22.88 -12.54 6.13
N GLY A 323 22.52 -11.54 5.34
CA GLY A 323 23.48 -10.74 4.64
C GLY A 323 22.86 -10.09 3.42
N PRO A 324 23.64 -9.31 2.68
CA PRO A 324 23.11 -8.66 1.49
C PRO A 324 22.55 -9.69 0.51
N GLY A 325 21.36 -9.41 -0.01
CA GLY A 325 20.76 -10.27 -1.00
C GLY A 325 20.13 -11.53 -0.47
N ASP A 326 20.00 -11.66 0.86
CA ASP A 326 19.24 -12.74 1.47
C ASP A 326 17.79 -12.69 1.02
N THR A 327 17.27 -13.82 0.51
CA THR A 327 15.87 -13.93 0.10
C THR A 327 15.06 -14.91 0.98
N SER A 328 15.59 -15.26 2.16
N SER A 328 15.60 -15.27 2.15
CA SER A 328 14.97 -16.29 3.00
CA SER A 328 14.95 -16.29 2.99
C SER A 328 13.58 -15.91 3.50
C SER A 328 13.52 -15.92 3.35
N ASN A 329 13.22 -14.63 3.51
CA ASN A 329 11.89 -14.22 3.98
C ASN A 329 10.84 -14.14 2.88
N PHE A 330 11.17 -14.58 1.65
CA PHE A 330 10.22 -14.60 0.55
C PHE A 330 9.92 -16.03 0.12
N ASP A 331 8.70 -16.23 -0.40
CA ASP A 331 8.28 -17.50 -0.98
C ASP A 331 8.94 -17.69 -2.34
N ASP A 332 8.90 -18.93 -2.83
CA ASP A 332 9.48 -19.27 -4.13
C ASP A 332 8.43 -19.21 -5.23
N TYR A 333 8.90 -18.92 -6.45
CA TYR A 333 8.03 -18.75 -7.60
C TYR A 333 8.70 -19.39 -8.81
N GLU A 334 7.88 -19.82 -9.77
CA GLU A 334 8.44 -20.31 -11.03
C GLU A 334 9.25 -19.20 -11.71
N GLU A 335 10.43 -19.58 -12.21
CA GLU A 335 11.34 -18.65 -12.86
C GLU A 335 11.16 -18.76 -14.37
N GLU A 336 10.95 -17.63 -15.03
CA GLU A 336 10.78 -17.60 -16.47
C GLU A 336 11.83 -16.68 -17.07
N GLU A 337 12.29 -17.04 -18.27
CA GLU A 337 13.30 -16.24 -18.96
C GLU A 337 12.73 -14.86 -19.27
N ILE A 338 13.61 -13.87 -19.22
CA ILE A 338 13.26 -12.50 -19.61
C ILE A 338 13.67 -12.37 -21.08
N ARG A 339 12.71 -12.40 -21.98
CA ARG A 339 12.97 -12.29 -23.41
C ARG A 339 12.65 -10.90 -23.92
N VAL A 340 13.61 -10.30 -24.62
CA VAL A 340 13.43 -9.00 -25.23
C VAL A 340 13.37 -9.16 -26.75
N ILE A 342 13.22 -8.36 -30.84
CA ILE A 342 14.07 -7.55 -31.69
C ILE A 342 13.26 -6.37 -32.25
N ASN A 343 11.96 -6.39 -32.05
CA ASN A 343 11.06 -5.36 -32.56
C ASN A 343 10.40 -4.61 -31.41
N GLU A 344 10.30 -3.29 -31.55
CA GLU A 344 9.63 -2.50 -30.52
C GLU A 344 8.15 -2.84 -30.46
N LYS A 345 7.64 -3.06 -29.26
CA LYS A 345 6.22 -3.30 -29.05
C LYS A 345 5.60 -2.09 -28.35
N CYS A 346 4.46 -1.63 -28.87
CA CYS A 346 3.61 -0.68 -28.16
C CYS A 346 4.34 0.63 -27.84
N GLY A 347 5.16 1.11 -28.78
CA GLY A 347 5.98 2.28 -28.52
C GLY A 347 5.17 3.55 -28.31
N LYS A 348 4.18 3.79 -29.18
CA LYS A 348 3.38 5.01 -29.05
C LYS A 348 2.59 5.02 -27.75
N GLU A 349 2.09 3.85 -27.31
CA GLU A 349 1.32 3.77 -26.09
C GLU A 349 2.11 4.12 -24.84
N PHE A 350 3.44 4.01 -24.88
CA PHE A 350 4.27 4.20 -23.69
C PHE A 350 5.32 5.30 -23.88
N THR A 351 5.08 6.23 -24.81
CA THR A 351 5.97 7.37 -25.02
C THR A 351 6.35 8.07 -23.72
N GLU A 352 5.36 8.26 -22.83
CA GLU A 352 5.58 9.07 -21.63
C GLU A 352 6.39 8.33 -20.56
N PHE A 353 6.54 7.01 -20.66
CA PHE A 353 7.18 6.24 -19.59
C PHE A 353 8.70 6.41 -19.60
N ALA B 2 -16.21 -19.07 8.39
CA ALA B 2 -16.60 -19.82 7.19
C ALA B 2 -15.45 -19.86 6.17
N ALA B 3 -15.75 -20.25 4.93
CA ALA B 3 -14.72 -20.45 3.91
C ALA B 3 -14.42 -19.15 3.17
N GLY B 4 -13.14 -18.96 2.86
CA GLY B 4 -12.71 -17.78 2.12
C GLY B 4 -11.29 -17.99 1.63
N ARG B 5 -10.77 -16.98 0.94
CA ARG B 5 -9.49 -17.12 0.24
C ARG B 5 -8.32 -16.90 1.21
N THR B 6 -7.46 -17.91 1.35
CA THR B 6 -6.34 -17.81 2.28
C THR B 6 -5.00 -17.52 1.61
N GLY B 7 -4.88 -17.71 0.29
CA GLY B 7 -3.64 -17.40 -0.39
C GLY B 7 -3.55 -15.94 -0.88
N ARG B 8 -2.46 -15.64 -1.59
CA ARG B 8 -2.32 -14.26 -2.08
C ARG B 8 -3.46 -13.90 -3.02
N ARG B 9 -3.93 -12.65 -2.92
CA ARG B 9 -5.10 -12.16 -3.63
C ARG B 9 -4.67 -11.18 -4.72
N GLN B 10 -5.08 -11.46 -5.95
CA GLN B 10 -4.76 -10.58 -7.06
C GLN B 10 -5.69 -9.38 -7.14
N ALA B 11 -5.12 -8.23 -7.49
CA ALA B 11 -5.96 -7.07 -7.69
C ALA B 11 -6.58 -7.16 -9.07
N ILE B 12 -7.67 -6.43 -9.27
CA ILE B 12 -8.34 -6.39 -10.56
C ILE B 12 -8.28 -4.97 -11.09
N HIS B 13 -7.74 -4.78 -12.29
CA HIS B 13 -7.58 -3.42 -12.82
C HIS B 13 -8.88 -2.82 -13.34
N ASP B 14 -9.83 -3.67 -13.71
CA ASP B 14 -11.06 -3.20 -14.35
C ASP B 14 -12.08 -4.31 -14.14
N ILE B 15 -12.97 -4.09 -13.17
CA ILE B 15 -14.25 -4.81 -12.96
C ILE B 15 -14.10 -5.82 -11.84
#